data_2Y80
#
_entry.id   2Y80
#
_cell.length_a   56.727
_cell.length_b   72.012
_cell.length_c   78.689
_cell.angle_alpha   90.00
_cell.angle_beta   90.00
_cell.angle_gamma   90.00
#
_symmetry.space_group_name_H-M   'P 21 21 21'
#
loop_
_entity.id
_entity.type
_entity.pdbx_description
1 polymer 'ACTIVATED FACTOR XA HEAVY CHAIN'
2 polymer 'FACTOR X LIGHT CHAIN'
3 non-polymer 6-CHLORO-N-{(3S)-1-[(1S)-1-(DIMETHYLAMINO)-2,3-DIHYDRO-1H-INDEN-5-YL]-2-OXO-3-PYRROLIDINYL}-2-NAPHTHALENESULFONAMIDE
4 non-polymer 'CALCIUM ION'
5 non-polymer 'MAGNESIUM ION'
6 water water
#
loop_
_entity_poly.entity_id
_entity_poly.type
_entity_poly.pdbx_seq_one_letter_code
_entity_poly.pdbx_strand_id
1 'polypeptide(L)'
;IVGGQECKDGECPWQALLINEENEGFCGGTILSEFYILTAAHCLYQAKRFKVRVGDRNTEQEEGGEAVHEVEVVIKHNRF
TKETYDFDIAVLRLKTPITFRMNVAPACLPERDWAESTLMTQKTGIVSGFGRTHEKGRQSTRLKMLEVPYVDRNSCKLSS
SFIITQNMFCAGYDTKQEDACQGDSGGPHVTRFKDTYFVTGIVSWGEGCARKGKYGIYTKVTAFLKWIDRSMKTRGLPKA
KSHAPEVITSSPLK
;
A
2 'polypeptide(L)'
;EEMKKGHLERECMEETCSYEEAREVFEDSDKTNEFWNKYKDGDQCETSPCQNQGKCKDGLGEYTCTCLEGFEGKNCELFT
RKLCSLDNGDCDQFCHEEQNSVVCSCARGYTLADNGKACIPTGPYPCGKQTLER
;
B
#
loop_
_chem_comp.id
_chem_comp.type
_chem_comp.name
_chem_comp.formula
439 non-polymer 6-CHLORO-N-{(3S)-1-[(1S)-1-(DIMETHYLAMINO)-2,3-DIHYDRO-1H-INDEN-5-YL]-2-OXO-3-PYRROLIDINYL}-2-NAPHTHALENESULFONAMIDE 'C25 H26 Cl N3 O3 S'
CA non-polymer 'CALCIUM ION' 'Ca 2'
MG non-polymer 'MAGNESIUM ION' 'Mg 2'
#
# COMPACT_ATOMS: atom_id res chain seq x y z
N ILE A 1 10.42 8.63 4.23
CA ILE A 1 11.02 8.21 2.91
C ILE A 1 12.38 8.87 2.65
N VAL A 2 13.41 8.04 2.50
CA VAL A 2 14.78 8.49 2.18
C VAL A 2 14.92 8.48 0.66
N GLY A 3 15.36 9.59 0.08
CA GLY A 3 15.46 9.70 -1.37
C GLY A 3 14.05 9.89 -1.93
N GLY A 4 13.83 9.45 -3.16
CA GLY A 4 12.49 9.58 -3.80
C GLY A 4 12.13 11.01 -4.11
N GLN A 5 10.85 11.26 -4.36
CA GLN A 5 10.38 12.60 -4.72
C GLN A 5 9.10 12.95 -3.92
N GLU A 6 8.73 14.23 -3.92
CA GLU A 6 7.47 14.63 -3.29
C GLU A 6 6.33 14.09 -4.12
N CYS A 7 5.26 13.63 -3.44
CA CYS A 7 4.03 13.31 -4.16
C CYS A 7 3.46 14.65 -4.60
N LYS A 8 3.20 14.74 -5.90
CA LYS A 8 2.62 15.95 -6.45
C LYS A 8 1.10 15.87 -6.40
N ASP A 9 0.44 16.99 -6.73
CA ASP A 9 -1.01 17.09 -6.61
C ASP A 9 -1.70 15.89 -7.26
N GLY A 10 -2.45 15.14 -6.46
CA GLY A 10 -3.22 14.00 -6.97
C GLY A 10 -2.51 12.68 -7.14
N GLU A 11 -1.20 12.66 -6.90
CA GLU A 11 -0.40 11.46 -7.21
C GLU A 11 -0.45 10.30 -6.22
N CYS A 12 -0.74 10.57 -4.95
CA CYS A 12 -0.75 9.55 -3.90
C CYS A 12 -2.05 9.62 -3.10
N PRO A 13 -3.20 9.54 -3.80
CA PRO A 13 -4.48 9.82 -3.13
C PRO A 13 -4.93 8.80 -2.09
N TRP A 14 -4.34 7.60 -2.11
CA TRP A 14 -4.70 6.51 -1.18
C TRP A 14 -3.93 6.57 0.12
N GLN A 15 -3.02 7.54 0.26
CA GLN A 15 -2.24 7.68 1.49
C GLN A 15 -3.11 8.13 2.67
N ALA A 16 -2.96 7.43 3.78
CA ALA A 16 -3.59 7.81 5.04
C ALA A 16 -2.45 8.01 6.03
N LEU A 17 -2.71 8.84 7.04
CA LEU A 17 -1.74 9.13 8.08
C LEU A 17 -2.42 8.92 9.43
N LEU A 18 -1.83 8.06 10.26
CA LEU A 18 -2.36 7.83 11.60
C LEU A 18 -1.77 8.93 12.47
N ILE A 19 -2.64 9.66 13.16
CA ILE A 19 -2.20 10.80 13.96
C ILE A 19 -2.51 10.59 15.44
N ASN A 20 -1.56 10.93 16.29
CA ASN A 20 -1.76 10.82 17.74
C ASN A 20 -2.47 12.05 18.33
N GLU A 21 -2.57 12.08 19.65
CA GLU A 21 -3.22 13.15 20.42
C GLU A 21 -2.68 14.54 20.10
N GLU A 22 -1.39 14.61 19.76
CA GLU A 22 -0.73 15.87 19.44
C GLU A 22 -0.93 16.27 17.97
N ASN A 23 -1.77 15.53 17.26
CA ASN A 23 -2.01 15.72 15.82
C ASN A 23 -0.75 15.54 14.97
N GLU A 24 0.12 14.65 15.45
CA GLU A 24 1.36 14.29 14.77
C GLU A 24 1.26 12.87 14.20
N GLY A 25 1.71 12.71 12.96
CA GLY A 25 1.71 11.40 12.32
C GLY A 25 2.74 10.48 12.95
N PHE A 26 2.38 9.22 13.14
CA PHE A 26 3.32 8.24 13.64
C PHE A 26 3.40 7.01 12.71
N CYS A 27 2.38 6.84 11.88
CA CYS A 27 2.32 5.71 10.95
C CYS A 27 1.49 6.09 9.72
N GLY A 28 1.64 5.31 8.65
CA GLY A 28 0.86 5.52 7.43
C GLY A 28 -0.26 4.50 7.36
N GLY A 29 -1.08 4.61 6.32
CA GLY A 29 -2.15 3.68 6.05
C GLY A 29 -2.47 3.79 4.56
N THR A 30 -3.29 2.87 4.06
CA THR A 30 -3.75 2.90 2.67
C THR A 30 -5.27 2.90 2.71
N ILE A 31 -5.88 3.84 2.00
CA ILE A 31 -7.33 3.89 1.88
C ILE A 31 -7.78 2.74 0.98
N LEU A 32 -8.64 1.88 1.50
CA LEU A 32 -9.17 0.76 0.73
C LEU A 32 -10.57 1.01 0.22
N SER A 33 -11.32 1.84 0.94
CA SER A 33 -12.72 2.12 0.61
C SER A 33 -13.19 3.29 1.47
N GLU A 34 -14.44 3.70 1.32
CA GLU A 34 -14.87 4.87 2.09
C GLU A 34 -14.79 4.62 3.59
N PHE A 35 -14.91 3.36 3.99
CA PHE A 35 -14.85 3.03 5.43
C PHE A 35 -13.59 2.39 5.97
N TYR A 36 -12.73 1.87 5.09
CA TYR A 36 -11.60 1.09 5.59
C TYR A 36 -10.20 1.56 5.21
N ILE A 37 -9.31 1.47 6.20
CA ILE A 37 -7.90 1.81 6.08
C ILE A 37 -7.07 0.57 6.39
N LEU A 38 -6.10 0.28 5.54
CA LEU A 38 -5.15 -0.80 5.77
C LEU A 38 -3.93 -0.21 6.47
N THR A 39 -3.44 -0.90 7.49
CA THR A 39 -2.23 -0.45 8.19
C THR A 39 -1.45 -1.65 8.74
N ALA A 40 -0.32 -1.40 9.42
CA ALA A 40 0.46 -2.48 10.03
C ALA A 40 -0.05 -2.71 11.46
N ALA A 41 -0.18 -3.97 11.85
CA ALA A 41 -0.57 -4.31 13.22
C ALA A 41 0.37 -3.69 14.28
N HIS A 42 1.65 -3.55 13.95
CA HIS A 42 2.61 -3.00 14.95
C HIS A 42 2.43 -1.49 15.22
N CYS A 43 1.76 -0.80 14.32
CA CYS A 43 1.47 0.64 14.49
C CYS A 43 0.48 0.88 15.63
N LEU A 44 -0.32 -0.13 15.93
CA LEU A 44 -1.39 -0.07 16.91
C LEU A 44 -0.94 -0.05 18.39
N TYR A 45 0.38 0.02 18.61
CA TYR A 45 0.93 0.08 19.97
C TYR A 45 1.66 1.39 20.20
N GLN A 46 1.79 2.20 19.14
CA GLN A 46 2.56 3.44 19.21
C GLN A 46 1.77 4.68 19.65
N ALA A 47 0.49 4.50 19.96
CA ALA A 47 -0.38 5.57 20.44
C ALA A 47 -1.64 4.96 21.07
N LYS A 48 -2.01 5.46 22.25
CA LYS A 48 -3.19 4.95 22.95
C LYS A 48 -4.49 5.35 22.25
N ARG A 49 -4.51 6.57 21.72
CA ARG A 49 -5.66 7.09 20.98
C ARG A 49 -5.16 7.74 19.70
N PHE A 50 -5.73 7.33 18.58
CA PHE A 50 -5.35 7.91 17.28
C PHE A 50 -6.53 8.08 16.33
N LYS A 51 -6.36 8.96 15.36
CA LYS A 51 -7.35 9.20 14.34
C LYS A 51 -6.64 8.99 12.98
N VAL A 52 -7.40 9.10 11.89
CA VAL A 52 -6.82 8.92 10.56
C VAL A 52 -7.02 10.20 9.76
N ARG A 53 -5.93 10.74 9.21
CA ARG A 53 -6.04 11.91 8.35
C ARG A 53 -5.78 11.52 6.88
N VAL A 54 -6.63 12.01 6.00
CA VAL A 54 -6.49 11.77 4.56
C VAL A 54 -6.45 13.10 3.83
N GLY A 55 -5.98 13.06 2.59
CA GLY A 55 -5.91 14.24 1.71
C GLY A 55 -4.87 15.29 2.09
N ASP A 56 -3.83 14.88 2.79
CA ASP A 56 -2.80 15.80 3.24
C ASP A 56 -1.52 15.56 2.45
N ARG A 57 -0.82 16.63 2.04
CA ARG A 57 0.48 16.47 1.37
C ARG A 57 1.56 17.30 2.04
N ASN A 58 1.13 18.29 2.81
CA ASN A 58 2.04 19.21 3.50
C ASN A 58 1.48 19.41 4.91
N THR A 59 2.15 18.87 5.93
CA THR A 59 1.63 18.99 7.30
C THR A 59 1.71 20.43 7.88
N GLU A 60 2.34 21.35 7.15
CA GLU A 60 2.51 22.76 7.57
C GLU A 60 1.53 23.79 6.97
N GLN A 61 0.60 23.35 6.14
CA GLN A 61 -0.35 24.26 5.49
C GLN A 61 -1.71 23.61 5.30
N GLU A 62 -2.78 24.39 5.38
CA GLU A 62 -4.11 23.87 5.10
C GLU A 62 -4.38 24.03 3.60
N GLU A 63 -4.37 22.94 2.86
CA GLU A 63 -4.60 23.00 1.40
C GLU A 63 -6.07 22.80 1.00
N GLY A 64 -6.93 22.55 1.99
CA GLY A 64 -8.39 22.42 1.78
C GLY A 64 -8.93 21.04 1.49
N GLY A 65 -8.05 20.06 1.30
CA GLY A 65 -8.47 18.70 0.98
C GLY A 65 -8.38 17.76 2.15
N GLU A 66 -7.79 18.22 3.26
CA GLU A 66 -7.57 17.37 4.41
C GLU A 66 -8.87 16.99 5.14
N ALA A 67 -8.91 15.78 5.68
CA ALA A 67 -10.07 15.32 6.46
C ALA A 67 -9.60 14.37 7.55
N VAL A 68 -10.03 14.61 8.78
CA VAL A 68 -9.68 13.74 9.92
C VAL A 68 -10.88 12.84 10.21
N HIS A 69 -10.61 11.54 10.43
CA HIS A 69 -11.64 10.56 10.70
C HIS A 69 -11.33 9.77 11.94
N GLU A 70 -12.35 9.61 12.78
CA GLU A 70 -12.21 8.80 13.98
C GLU A 70 -12.36 7.34 13.60
N VAL A 71 -11.69 6.48 14.36
CA VAL A 71 -11.74 5.04 14.11
C VAL A 71 -12.85 4.43 14.97
N GLU A 72 -13.72 3.64 14.34
CA GLU A 72 -14.80 2.91 15.01
C GLU A 72 -14.38 1.52 15.48
N VAL A 73 -13.59 0.81 14.66
CA VAL A 73 -13.16 -0.55 15.01
C VAL A 73 -11.74 -0.78 14.52
N VAL A 74 -10.92 -1.41 15.37
CA VAL A 74 -9.56 -1.79 15.00
C VAL A 74 -9.57 -3.32 14.84
N ILE A 75 -9.19 -3.79 13.65
CA ILE A 75 -9.17 -5.22 13.36
C ILE A 75 -7.71 -5.60 13.12
N LYS A 76 -7.06 -6.09 14.18
CA LYS A 76 -5.66 -6.50 14.13
C LYS A 76 -5.62 -7.98 13.81
N HIS A 77 -4.63 -8.42 13.04
CA HIS A 77 -4.55 -9.85 12.73
C HIS A 77 -4.24 -10.57 14.05
N ASN A 78 -5.04 -11.59 14.38
CA ASN A 78 -4.86 -12.29 15.66
C ASN A 78 -3.56 -13.07 15.78
N ARG A 79 -2.92 -13.35 14.64
CA ARG A 79 -1.65 -14.08 14.63
C ARG A 79 -0.42 -13.17 14.59
N PHE A 80 -0.63 -11.85 14.72
CA PHE A 80 0.48 -10.89 14.75
C PHE A 80 1.41 -11.13 15.94
N THR A 81 2.71 -11.19 15.68
CA THR A 81 3.68 -11.40 16.74
C THR A 81 4.69 -10.27 16.77
N LYS A 82 4.87 -9.68 17.94
CA LYS A 82 5.84 -8.61 18.14
C LYS A 82 7.27 -9.14 18.02
N GLU A 83 7.44 -10.44 18.23
CA GLU A 83 8.75 -11.07 18.21
C GLU A 83 9.40 -11.03 16.82
N THR A 84 8.61 -11.37 15.79
CA THR A 84 9.10 -11.44 14.42
C THR A 84 8.44 -10.44 13.45
N TYR A 85 7.32 -9.85 13.87
CA TYR A 85 6.50 -8.97 13.02
C TYR A 85 5.79 -9.74 11.93
N ASP A 86 5.63 -11.06 12.14
CA ASP A 86 4.89 -11.90 11.23
C ASP A 86 3.43 -11.45 11.36
N PHE A 87 2.66 -11.58 10.29
CA PHE A 87 1.25 -11.15 10.25
C PHE A 87 1.12 -9.68 10.67
N ASP A 88 1.95 -8.81 10.10
CA ASP A 88 1.95 -7.39 10.47
C ASP A 88 0.91 -6.66 9.62
N ILE A 89 -0.36 -6.82 9.99
CA ILE A 89 -1.47 -6.24 9.22
C ILE A 89 -2.68 -5.98 10.11
N ALA A 90 -3.34 -4.87 9.84
CA ALA A 90 -4.54 -4.50 10.56
C ALA A 90 -5.45 -3.73 9.61
N VAL A 91 -6.75 -3.81 9.85
CA VAL A 91 -7.72 -3.01 9.11
C VAL A 91 -8.46 -2.13 10.13
N LEU A 92 -8.72 -0.88 9.74
CA LEU A 92 -9.46 0.09 10.57
C LEU A 92 -10.79 0.43 9.91
N ARG A 93 -11.87 0.33 10.67
CA ARG A 93 -13.16 0.81 10.18
C ARG A 93 -13.37 2.20 10.76
N LEU A 94 -13.62 3.17 9.88
CA LEU A 94 -13.85 4.54 10.32
C LEU A 94 -15.31 4.76 10.77
N LYS A 95 -15.51 5.71 11.69
CA LYS A 95 -16.85 6.07 12.17
C LYS A 95 -17.68 6.77 11.08
N THR A 96 -17.02 7.59 10.27
CA THR A 96 -17.71 8.31 9.17
C THR A 96 -17.02 7.96 7.83
N PRO A 97 -17.79 7.93 6.72
CA PRO A 97 -17.15 7.55 5.47
C PRO A 97 -16.26 8.64 4.88
N ILE A 98 -15.21 8.22 4.20
CA ILE A 98 -14.31 9.18 3.53
C ILE A 98 -15.00 9.66 2.27
N THR A 99 -14.96 10.98 2.06
CA THR A 99 -15.50 11.57 0.85
C THR A 99 -14.35 11.70 -0.15
N PHE A 100 -14.41 10.92 -1.22
CA PHE A 100 -13.35 10.96 -2.23
C PHE A 100 -13.35 12.30 -2.99
N ARG A 101 -12.14 12.76 -3.32
CA ARG A 101 -11.95 14.04 -3.98
C ARG A 101 -10.51 14.10 -4.43
N MET A 102 -10.10 15.26 -4.93
CA MET A 102 -8.69 15.46 -5.29
C MET A 102 -7.86 15.09 -4.05
N ASN A 103 -6.80 14.29 -4.26
CA ASN A 103 -5.92 13.74 -3.20
C ASN A 103 -6.52 12.74 -2.23
N VAL A 104 -7.74 12.26 -2.49
CA VAL A 104 -8.41 11.32 -1.59
C VAL A 104 -9.15 10.26 -2.42
N ALA A 105 -8.55 9.09 -2.59
CA ALA A 105 -9.16 8.00 -3.38
C ALA A 105 -8.57 6.67 -2.94
N PRO A 106 -9.30 5.56 -3.14
CA PRO A 106 -8.72 4.30 -2.72
C PRO A 106 -7.76 3.68 -3.72
N ALA A 107 -6.87 2.84 -3.22
CA ALA A 107 -6.02 2.02 -4.06
C ALA A 107 -6.82 0.74 -4.33
N CYS A 108 -6.57 0.03 -5.43
CA CYS A 108 -7.33 -1.17 -5.71
C CYS A 108 -6.77 -2.39 -5.02
N LEU A 109 -7.67 -3.26 -4.56
CA LEU A 109 -7.26 -4.57 -4.06
C LEU A 109 -7.19 -5.54 -5.23
N PRO A 110 -6.04 -6.22 -5.43
CA PRO A 110 -6.00 -7.13 -6.55
C PRO A 110 -6.49 -8.53 -6.14
N GLU A 111 -6.59 -9.44 -7.12
CA GLU A 111 -6.86 -10.85 -6.81
C GLU A 111 -5.51 -11.52 -6.55
N ARG A 112 -5.47 -12.51 -5.67
CA ARG A 112 -4.19 -13.13 -5.28
C ARG A 112 -3.36 -13.70 -6.44
N ASP A 113 -3.90 -14.63 -7.21
CA ASP A 113 -3.08 -15.26 -8.23
C ASP A 113 -2.52 -14.29 -9.25
N TRP A 114 -3.40 -13.42 -9.76
CA TRP A 114 -2.98 -12.43 -10.75
C TRP A 114 -1.93 -11.46 -10.18
N ALA A 115 -2.11 -11.04 -8.93
CA ALA A 115 -1.14 -10.12 -8.33
C ALA A 115 0.24 -10.76 -8.16
N GLU A 116 0.26 -12.01 -7.73
CA GLU A 116 1.53 -12.72 -7.54
C GLU A 116 2.27 -12.98 -8.86
N SER A 117 1.50 -13.32 -9.88
CA SER A 117 2.05 -13.65 -11.18
C SER A 117 2.41 -12.41 -12.04
N THR A 118 1.60 -11.35 -11.90
CA THR A 118 1.69 -10.18 -12.78
C THR A 118 2.15 -8.88 -12.09
N LEU A 119 1.68 -8.61 -10.88
CA LEU A 119 2.13 -7.41 -10.18
C LEU A 119 3.47 -7.59 -9.49
N MET A 120 3.63 -8.69 -8.76
CA MET A 120 4.85 -8.88 -7.99
C MET A 120 6.05 -9.30 -8.84
N THR A 121 5.81 -9.52 -10.12
CA THR A 121 6.89 -9.82 -11.06
C THR A 121 7.30 -8.60 -11.87
N GLN A 122 6.61 -7.47 -11.65
CA GLN A 122 7.00 -6.20 -12.28
C GLN A 122 8.36 -5.83 -11.67
N LYS A 123 9.05 -4.89 -12.31
CA LYS A 123 10.34 -4.44 -11.84
C LYS A 123 10.27 -3.73 -10.48
N THR A 124 9.27 -2.87 -10.33
CA THR A 124 9.20 -2.02 -9.14
C THR A 124 7.80 -1.83 -8.58
N GLY A 125 7.78 -1.37 -7.33
CA GLY A 125 6.58 -0.95 -6.63
C GLY A 125 6.82 0.50 -6.18
N ILE A 126 5.82 1.11 -5.56
CA ILE A 126 5.93 2.48 -5.08
C ILE A 126 5.54 2.55 -3.62
N VAL A 127 6.44 3.09 -2.79
CA VAL A 127 6.16 3.22 -1.36
C VAL A 127 6.01 4.73 -1.10
N SER A 128 5.19 5.11 -0.13
CA SER A 128 4.99 6.53 0.15
C SER A 128 4.74 6.78 1.63
N GLY A 129 5.06 7.99 2.08
CA GLY A 129 4.80 8.34 3.46
C GLY A 129 5.39 9.66 3.89
N PHE A 130 5.11 10.00 5.14
CA PHE A 130 5.59 11.24 5.80
C PHE A 130 6.74 10.91 6.75
N GLY A 131 7.34 9.73 6.61
CA GLY A 131 8.43 9.27 7.48
C GLY A 131 9.73 10.05 7.32
N ARG A 132 10.73 9.71 8.14
CA ARG A 132 12.03 10.40 8.10
C ARG A 132 12.68 10.38 6.72
N THR A 133 13.41 11.44 6.40
CA THR A 133 14.12 11.53 5.12
C THR A 133 15.59 11.05 5.22
N HIS A 134 16.02 10.77 6.45
CA HIS A 134 17.34 10.20 6.74
C HIS A 134 17.16 9.38 8.01
N GLU A 135 18.00 8.37 8.23
CA GLU A 135 17.85 7.49 9.40
C GLU A 135 17.77 8.24 10.74
N LYS A 136 18.59 9.28 10.91
CA LYS A 136 18.63 10.03 12.16
C LYS A 136 17.83 11.36 12.18
N GLY A 137 17.19 11.70 11.06
CA GLY A 137 16.44 12.96 10.94
C GLY A 137 15.05 13.03 11.57
N ARG A 138 14.32 14.10 11.26
CA ARG A 138 12.94 14.26 11.74
C ARG A 138 11.96 13.78 10.66
N GLN A 139 10.69 13.63 11.02
CA GLN A 139 9.62 13.21 10.09
C GLN A 139 9.50 14.27 8.99
N SER A 140 9.16 13.83 7.77
CA SER A 140 8.97 14.75 6.66
C SER A 140 7.68 15.58 6.86
N THR A 141 7.71 16.85 6.50
CA THR A 141 6.49 17.64 6.56
C THR A 141 5.76 17.47 5.22
N ARG A 142 6.41 16.83 4.25
CA ARG A 142 5.83 16.63 2.92
C ARG A 142 5.65 15.16 2.60
N LEU A 143 4.52 14.82 1.97
CA LEU A 143 4.29 13.44 1.54
C LEU A 143 5.25 13.10 0.42
N LYS A 144 5.96 11.98 0.55
CA LYS A 144 6.94 11.55 -0.45
C LYS A 144 6.61 10.17 -0.99
N MET A 145 7.10 9.89 -2.20
N MET A 145 7.09 9.90 -2.21
CA MET A 145 6.95 8.59 -2.84
CA MET A 145 6.93 8.59 -2.86
C MET A 145 8.30 8.13 -3.34
C MET A 145 8.28 8.13 -3.40
N LEU A 146 8.45 6.82 -3.50
CA LEU A 146 9.71 6.25 -3.95
C LEU A 146 9.44 4.98 -4.72
N GLU A 147 10.04 4.88 -5.89
CA GLU A 147 9.95 3.68 -6.67
C GLU A 147 10.95 2.67 -6.04
N VAL A 148 10.47 1.49 -5.66
CA VAL A 148 11.34 0.47 -5.04
C VAL A 148 11.31 -0.85 -5.81
N PRO A 149 12.49 -1.30 -6.24
CA PRO A 149 12.54 -2.57 -6.98
C PRO A 149 12.11 -3.74 -6.11
N TYR A 150 11.39 -4.67 -6.70
CA TYR A 150 11.12 -5.94 -6.03
C TYR A 150 12.47 -6.65 -5.94
N VAL A 151 12.72 -7.28 -4.80
CA VAL A 151 13.98 -7.97 -4.56
C VAL A 151 13.75 -9.50 -4.56
N ASP A 152 14.63 -10.20 -5.26
CA ASP A 152 14.65 -11.65 -5.31
C ASP A 152 14.54 -12.18 -3.88
N ARG A 153 13.61 -13.10 -3.67
CA ARG A 153 13.35 -13.67 -2.36
C ARG A 153 14.58 -14.32 -1.70
N ASN A 154 15.37 -15.06 -2.47
CA ASN A 154 16.58 -15.66 -1.93
C ASN A 154 17.59 -14.58 -1.50
N SER A 155 17.83 -13.59 -2.36
CA SER A 155 18.74 -12.49 -2.02
C SER A 155 18.30 -11.80 -0.75
N CYS A 156 16.99 -11.66 -0.56
CA CYS A 156 16.51 -10.99 0.63
C CYS A 156 16.73 -11.78 1.90
N LYS A 157 16.52 -13.09 1.82
CA LYS A 157 16.73 -13.94 2.99
C LYS A 157 18.20 -13.92 3.33
N LEU A 158 19.06 -13.94 2.31
CA LEU A 158 20.51 -13.88 2.51
C LEU A 158 20.98 -12.57 3.16
N SER A 159 20.30 -11.47 2.85
CA SER A 159 20.66 -10.17 3.38
C SER A 159 20.19 -9.97 4.82
N SER A 160 19.16 -10.70 5.22
CA SER A 160 18.51 -10.48 6.51
C SER A 160 19.08 -11.25 7.69
N SER A 161 19.28 -10.52 8.79
CA SER A 161 19.74 -11.05 10.06
C SER A 161 18.58 -11.73 10.79
N PHE A 162 17.37 -11.55 10.26
CA PHE A 162 16.16 -12.07 10.92
C PHE A 162 15.30 -12.79 9.91
N ILE A 163 14.38 -13.62 10.41
CA ILE A 163 13.52 -14.42 9.56
C ILE A 163 12.58 -13.61 8.67
N ILE A 164 12.58 -13.94 7.38
CA ILE A 164 11.63 -13.37 6.42
C ILE A 164 10.59 -14.47 6.23
N THR A 165 9.40 -14.25 6.76
CA THR A 165 8.37 -15.27 6.72
C THR A 165 7.66 -15.26 5.38
N GLN A 166 6.76 -16.22 5.17
CA GLN A 166 5.97 -16.30 3.95
C GLN A 166 5.02 -15.08 3.79
N ASN A 167 4.83 -14.34 4.88
CA ASN A 167 3.96 -13.16 4.93
C ASN A 167 4.69 -11.85 4.70
N MET A 168 5.94 -11.95 4.26
CA MET A 168 6.77 -10.78 4.04
C MET A 168 7.44 -10.83 2.67
N PHE A 169 7.77 -9.66 2.13
CA PHE A 169 8.61 -9.60 0.93
C PHE A 169 9.53 -8.42 1.06
N CYS A 170 10.57 -8.40 0.23
CA CYS A 170 11.55 -7.34 0.32
C CYS A 170 11.54 -6.50 -0.92
N ALA A 171 11.86 -5.21 -0.75
CA ALA A 171 11.90 -4.26 -1.83
C ALA A 171 12.85 -3.13 -1.49
N GLY A 172 13.43 -2.51 -2.51
CA GLY A 172 14.36 -1.42 -2.31
C GLY A 172 15.70 -1.69 -2.97
N TYR A 173 16.75 -1.18 -2.34
CA TYR A 173 18.10 -1.21 -2.90
C TYR A 173 19.18 -1.76 -1.97
N ASP A 174 20.15 -2.40 -2.61
CA ASP A 174 21.32 -2.95 -1.93
C ASP A 174 22.10 -1.82 -1.27
N THR A 175 22.64 -0.92 -2.09
CA THR A 175 23.47 0.20 -1.59
C THR A 175 22.89 1.59 -1.82
N LYS A 176 22.10 1.77 -2.88
CA LYS A 176 21.52 3.10 -3.16
C LYS A 176 20.79 3.66 -1.93
N GLN A 177 21.00 4.94 -1.67
CA GLN A 177 20.44 5.61 -0.50
C GLN A 177 18.97 6.00 -0.63
N GLU A 178 18.12 5.00 -0.82
CA GLU A 178 16.67 5.19 -0.95
C GLU A 178 15.97 4.03 -0.26
N ASP A 179 14.97 4.35 0.57
CA ASP A 179 14.25 3.34 1.36
C ASP A 179 13.12 4.04 2.12
N ALA A 180 12.21 3.25 2.68
CA ALA A 180 11.21 3.79 3.59
C ALA A 180 11.99 3.99 4.90
N CYS A 181 11.37 4.65 5.88
CA CYS A 181 12.06 4.90 7.16
C CYS A 181 11.03 5.10 8.28
N GLN A 182 11.52 5.47 9.47
CA GLN A 182 10.67 5.66 10.65
C GLN A 182 9.49 6.57 10.38
N GLY A 183 8.29 6.11 10.71
CA GLY A 183 7.08 6.89 10.47
C GLY A 183 6.36 6.51 9.19
N ASP A 184 7.04 5.78 8.30
CA ASP A 184 6.40 5.29 7.06
C ASP A 184 5.64 3.98 7.31
N SER A 185 5.95 3.31 8.42
CA SER A 185 5.32 2.04 8.81
C SER A 185 3.80 2.08 8.65
N GLY A 186 3.22 1.01 8.11
CA GLY A 186 1.78 0.92 7.94
C GLY A 186 1.31 1.52 6.62
N GLY A 187 2.19 2.29 5.98
CA GLY A 187 1.86 2.97 4.72
C GLY A 187 1.79 2.07 3.48
N PRO A 188 1.38 2.65 2.34
CA PRO A 188 1.18 1.91 1.11
C PRO A 188 2.44 1.49 0.37
N HIS A 189 2.39 0.30 -0.20
CA HIS A 189 3.32 -0.19 -1.20
C HIS A 189 2.31 -0.57 -2.29
N VAL A 190 2.36 0.16 -3.40
CA VAL A 190 1.43 -0.11 -4.50
C VAL A 190 2.21 -0.47 -5.77
N THR A 191 1.56 -1.20 -6.68
CA THR A 191 2.18 -1.56 -7.95
C THR A 191 1.30 -1.08 -9.09
N ARG A 192 1.92 -0.39 -10.04
CA ARG A 192 1.19 0.15 -11.15
C ARG A 192 1.06 -0.91 -12.25
N PHE A 193 -0.14 -0.99 -12.82
CA PHE A 193 -0.39 -1.85 -13.98
C PHE A 193 -1.35 -1.13 -14.90
N LYS A 194 -0.87 -0.77 -16.10
CA LYS A 194 -1.70 0.01 -17.06
C LYS A 194 -2.36 1.22 -16.38
N ASP A 195 -1.56 2.08 -15.77
CA ASP A 195 -2.09 3.30 -15.13
C ASP A 195 -3.09 3.11 -13.98
N THR A 196 -3.17 1.89 -13.44
CA THR A 196 -4.00 1.63 -12.25
C THR A 196 -3.08 1.07 -11.17
N TYR A 197 -3.27 1.57 -9.94
CA TYR A 197 -2.40 1.25 -8.82
C TYR A 197 -3.08 0.29 -7.88
N PHE A 198 -2.44 -0.85 -7.66
CA PHE A 198 -2.97 -1.89 -6.76
C PHE A 198 -2.15 -2.04 -5.51
N VAL A 199 -2.82 -2.23 -4.37
CA VAL A 199 -2.09 -2.47 -3.11
C VAL A 199 -1.35 -3.80 -3.13
N THR A 200 -0.04 -3.76 -2.92
CA THR A 200 0.76 -4.97 -2.91
C THR A 200 1.52 -5.17 -1.59
N GLY A 201 1.62 -4.12 -0.79
CA GLY A 201 2.36 -4.27 0.47
C GLY A 201 2.03 -3.25 1.52
N ILE A 202 2.54 -3.51 2.72
CA ILE A 202 2.39 -2.61 3.84
C ILE A 202 3.81 -2.41 4.37
N VAL A 203 4.24 -1.15 4.53
CA VAL A 203 5.57 -0.84 5.07
C VAL A 203 5.67 -1.49 6.46
N SER A 204 6.63 -2.39 6.68
CA SER A 204 6.69 -3.14 7.94
C SER A 204 7.90 -2.86 8.81
N TRP A 205 9.08 -3.22 8.31
CA TRP A 205 10.30 -3.06 9.11
C TRP A 205 11.56 -3.05 8.26
N GLY A 206 12.67 -2.71 8.90
CA GLY A 206 13.95 -2.71 8.22
C GLY A 206 15.04 -2.63 9.27
N GLU A 207 16.22 -3.11 8.93
CA GLU A 207 17.36 -3.01 9.85
C GLU A 207 17.99 -1.66 9.55
N GLY A 208 17.42 -0.62 10.15
CA GLY A 208 17.81 0.76 9.84
C GLY A 208 17.09 1.23 8.58
N CYS A 209 17.53 2.36 8.03
CA CYS A 209 16.95 2.92 6.81
C CYS A 209 18.02 3.07 5.74
N ALA A 210 17.78 2.51 4.57
CA ALA A 210 18.69 2.64 3.42
C ALA A 210 20.11 2.12 3.65
N ARG A 211 20.27 1.21 4.61
CA ARG A 211 21.60 0.64 4.89
C ARG A 211 22.10 -0.27 3.77
N LYS A 212 23.44 -0.31 3.66
CA LYS A 212 24.09 -1.14 2.66
C LYS A 212 23.85 -2.60 3.00
N GLY A 213 23.53 -3.38 1.98
CA GLY A 213 23.26 -4.81 2.15
C GLY A 213 21.95 -5.13 2.85
N LYS A 214 21.10 -4.12 3.01
CA LYS A 214 19.78 -4.29 3.67
C LYS A 214 18.64 -3.73 2.80
N TYR A 215 17.48 -4.38 2.89
CA TYR A 215 16.30 -3.99 2.12
C TYR A 215 15.13 -3.65 3.05
N GLY A 216 14.07 -3.08 2.49
CA GLY A 216 12.86 -2.79 3.27
C GLY A 216 11.97 -4.03 3.29
N ILE A 217 11.39 -4.33 4.44
CA ILE A 217 10.56 -5.50 4.56
C ILE A 217 9.09 -5.05 4.66
N TYR A 218 8.28 -5.64 3.79
CA TYR A 218 6.89 -5.29 3.64
C TYR A 218 5.97 -6.48 3.92
N THR A 219 4.81 -6.23 4.50
CA THR A 219 3.82 -7.30 4.64
C THR A 219 3.32 -7.61 3.24
N LYS A 220 3.22 -8.91 2.94
CA LYS A 220 2.78 -9.41 1.63
C LYS A 220 1.26 -9.44 1.62
N VAL A 221 0.68 -8.36 1.09
CA VAL A 221 -0.75 -8.19 1.05
C VAL A 221 -1.46 -9.35 0.35
N THR A 222 -0.84 -9.92 -0.69
CA THR A 222 -1.49 -11.00 -1.43
C THR A 222 -1.79 -12.23 -0.58
N ALA A 223 -1.05 -12.40 0.52
CA ALA A 223 -1.27 -13.55 1.41
C ALA A 223 -2.48 -13.30 2.32
N PHE A 224 -2.93 -12.04 2.38
CA PHE A 224 -4.01 -11.62 3.26
C PHE A 224 -5.28 -11.08 2.59
N LEU A 225 -5.45 -11.31 1.29
CA LEU A 225 -6.61 -10.80 0.56
C LEU A 225 -7.96 -11.34 1.06
N LYS A 226 -8.00 -12.63 1.41
CA LYS A 226 -9.26 -13.19 1.98
C LYS A 226 -9.53 -12.60 3.36
N TRP A 227 -8.47 -12.47 4.17
CA TRP A 227 -8.55 -11.89 5.51
C TRP A 227 -9.06 -10.45 5.43
N ILE A 228 -8.46 -9.65 4.54
CA ILE A 228 -8.91 -8.28 4.30
C ILE A 228 -10.40 -8.29 3.92
N ASP A 229 -10.78 -9.10 2.93
CA ASP A 229 -12.17 -9.16 2.49
C ASP A 229 -13.14 -9.44 3.65
N ARG A 230 -12.77 -10.39 4.50
CA ARG A 230 -13.57 -10.71 5.68
C ARG A 230 -13.63 -9.56 6.68
N SER A 231 -12.49 -8.94 6.97
CA SER A 231 -12.44 -7.80 7.88
C SER A 231 -13.32 -6.62 7.42
N MET A 232 -13.37 -6.42 6.10
CA MET A 232 -14.17 -5.34 5.50
C MET A 232 -15.67 -5.65 5.44
N LYS A 233 -16.06 -6.87 5.78
CA LYS A 233 -17.48 -7.24 5.76
C LYS A 233 -18.14 -7.15 7.13
N THR A 234 -17.31 -6.93 8.14
CA THR A 234 -17.75 -6.74 9.52
C THR A 234 -16.67 -5.93 10.24
N ARG A 235 -15.70 -6.47 10.78
N ARG B 81 4.88 -18.33 -24.02
CA ARG B 81 3.88 -17.37 -23.48
C ARG B 81 2.52 -17.58 -24.15
N LYS B 82 1.53 -17.99 -23.36
CA LYS B 82 0.18 -18.23 -23.88
C LYS B 82 -0.89 -17.64 -22.96
N LEU B 83 -2.05 -17.35 -23.54
CA LEU B 83 -3.20 -16.83 -22.78
C LEU B 83 -2.79 -15.68 -21.85
N CYS B 84 -3.07 -15.80 -20.54
CA CYS B 84 -2.71 -14.75 -19.57
C CYS B 84 -1.22 -14.46 -19.48
N SER B 85 -0.40 -15.41 -19.91
CA SER B 85 1.05 -15.21 -19.88
C SER B 85 1.51 -14.32 -21.02
N LEU B 86 0.69 -14.21 -22.07
CA LEU B 86 1.01 -13.36 -23.21
C LEU B 86 0.27 -12.03 -23.05
N ASP B 87 1.04 -11.01 -22.71
CA ASP B 87 0.57 -9.64 -22.52
C ASP B 87 -0.73 -9.55 -21.70
N ASN B 88 -0.78 -10.29 -20.58
CA ASN B 88 -1.94 -10.27 -19.69
C ASN B 88 -3.24 -10.67 -20.39
N GLY B 89 -3.13 -11.45 -21.48
CA GLY B 89 -4.26 -11.91 -22.26
C GLY B 89 -5.06 -10.78 -22.88
N ASP B 90 -4.43 -9.60 -23.04
CA ASP B 90 -5.08 -8.38 -23.56
C ASP B 90 -6.08 -7.76 -22.55
N CYS B 91 -6.10 -8.26 -21.32
CA CYS B 91 -7.01 -7.73 -20.28
C CYS B 91 -6.46 -6.44 -19.68
N ASP B 92 -7.34 -5.51 -19.31
CA ASP B 92 -6.92 -4.29 -18.61
C ASP B 92 -6.43 -4.60 -17.18
N GLN B 93 -7.08 -5.55 -16.53
CA GLN B 93 -6.76 -5.85 -15.14
C GLN B 93 -6.58 -7.35 -14.94
N PHE B 94 -7.47 -7.98 -14.19
CA PHE B 94 -7.32 -9.40 -13.86
C PHE B 94 -7.51 -10.30 -15.06
N CYS B 95 -6.65 -11.32 -15.16
CA CYS B 95 -6.71 -12.33 -16.22
C CYS B 95 -6.74 -13.73 -15.57
N HIS B 96 -7.69 -14.55 -16.01
CA HIS B 96 -7.86 -15.94 -15.57
C HIS B 96 -7.88 -16.83 -16.80
N GLU B 97 -7.32 -18.03 -16.67
CA GLU B 97 -7.38 -19.00 -17.76
C GLU B 97 -8.44 -20.02 -17.37
N GLU B 98 -9.53 -20.06 -18.14
CA GLU B 98 -10.65 -20.97 -17.91
C GLU B 98 -10.95 -21.73 -19.20
N GLN B 99 -11.07 -23.06 -19.11
CA GLN B 99 -11.31 -23.92 -20.28
C GLN B 99 -10.29 -23.63 -21.39
N ASN B 100 -9.04 -23.40 -21.00
CA ASN B 100 -7.93 -23.11 -21.91
C ASN B 100 -8.10 -21.80 -22.71
N SER B 101 -8.88 -20.87 -22.17
CA SER B 101 -9.05 -19.55 -22.79
C SER B 101 -8.99 -18.44 -21.73
N VAL B 102 -8.77 -17.21 -22.20
CA VAL B 102 -8.66 -16.04 -21.33
C VAL B 102 -10.02 -15.51 -20.88
N VAL B 103 -10.12 -15.21 -19.58
CA VAL B 103 -11.29 -14.56 -19.02
C VAL B 103 -10.76 -13.32 -18.26
N CYS B 104 -11.24 -12.14 -18.65
CA CYS B 104 -10.81 -10.90 -18.01
C CYS B 104 -11.83 -10.50 -16.95
N SER B 105 -11.38 -9.82 -15.91
CA SER B 105 -12.29 -9.27 -14.92
C SER B 105 -11.67 -8.00 -14.33
N CYS B 106 -12.43 -7.33 -13.47
CA CYS B 106 -12.01 -6.03 -12.96
C CYS B 106 -12.17 -5.92 -11.45
N ALA B 107 -11.45 -4.96 -10.87
CA ALA B 107 -11.54 -4.65 -9.44
C ALA B 107 -12.92 -4.06 -9.13
N ARG B 108 -13.32 -4.09 -7.86
CA ARG B 108 -14.61 -3.52 -7.46
C ARG B 108 -14.63 -2.05 -7.82
N GLY B 109 -15.75 -1.58 -8.36
CA GLY B 109 -15.86 -0.20 -8.81
C GLY B 109 -15.62 -0.05 -10.31
N TYR B 110 -15.31 -1.16 -10.98
CA TYR B 110 -15.15 -1.18 -12.44
C TYR B 110 -16.08 -2.21 -13.03
N THR B 111 -16.51 -1.96 -14.26
CA THR B 111 -17.37 -2.88 -15.00
C THR B 111 -16.60 -3.34 -16.24
N LEU B 112 -16.69 -4.63 -16.57
CA LEU B 112 -16.01 -5.14 -17.76
C LEU B 112 -16.71 -4.57 -18.99
N ALA B 113 -15.92 -4.00 -19.91
CA ALA B 113 -16.47 -3.41 -21.12
C ALA B 113 -17.06 -4.48 -22.04
N ASP B 114 -17.81 -4.04 -23.04
CA ASP B 114 -18.46 -4.93 -24.01
C ASP B 114 -17.48 -5.84 -24.78
N ASN B 115 -16.23 -5.40 -24.93
CA ASN B 115 -15.21 -6.25 -25.57
C ASN B 115 -14.67 -7.34 -24.63
N GLY B 116 -15.17 -7.35 -23.39
CA GLY B 116 -14.76 -8.33 -22.36
C GLY B 116 -13.30 -8.25 -21.93
N LYS B 117 -12.68 -7.09 -22.13
CA LYS B 117 -11.25 -6.89 -21.82
C LYS B 117 -10.98 -5.61 -21.06
N ALA B 118 -11.55 -4.51 -21.51
CA ALA B 118 -11.31 -3.23 -20.85
C ALA B 118 -12.13 -3.10 -19.57
N CYS B 119 -11.62 -2.32 -18.62
CA CYS B 119 -12.31 -2.07 -17.36
C CYS B 119 -12.77 -0.59 -17.30
N ILE B 120 -14.06 -0.38 -17.09
CA ILE B 120 -14.63 0.97 -17.08
C ILE B 120 -15.10 1.36 -15.66
N PRO B 121 -14.65 2.52 -15.16
CA PRO B 121 -15.07 2.94 -13.82
C PRO B 121 -16.58 3.09 -13.76
N THR B 122 -17.22 2.53 -12.73
CA THR B 122 -18.67 2.60 -12.60
C THR B 122 -19.15 3.95 -12.06
N GLY B 123 -18.29 4.61 -11.30
CA GLY B 123 -18.64 5.90 -10.72
C GLY B 123 -17.41 6.76 -10.51
N PRO B 124 -17.57 7.93 -9.86
CA PRO B 124 -16.44 8.83 -9.63
C PRO B 124 -15.40 8.25 -8.65
N TYR B 125 -14.16 8.71 -8.80
CA TYR B 125 -13.03 8.27 -7.98
C TYR B 125 -12.87 6.75 -7.88
N PRO B 126 -12.67 6.08 -9.04
CA PRO B 126 -12.45 4.63 -9.00
C PRO B 126 -11.13 4.30 -8.31
N CYS B 127 -11.05 3.12 -7.71
CA CYS B 127 -9.81 2.73 -7.05
C CYS B 127 -8.64 2.71 -8.03
N GLY B 128 -7.47 3.02 -7.48
CA GLY B 128 -6.22 2.88 -8.20
C GLY B 128 -5.90 3.96 -9.19
N LYS B 129 -6.74 4.99 -9.26
CA LYS B 129 -6.49 6.09 -10.21
C LYS B 129 -6.05 7.37 -9.50
N GLN B 130 -4.94 7.94 -9.95
CA GLN B 130 -4.47 9.22 -9.44
C GLN B 130 -5.57 10.24 -9.74
N THR B 131 -5.76 11.22 -8.85
CA THR B 131 -6.86 12.17 -9.00
C THR B 131 -6.49 13.37 -9.86
N LEU B 132 -7.43 13.69 -10.76
CA LEU B 132 -7.33 14.69 -11.84
C LEU B 132 -6.15 14.41 -12.74
N GLU B 133 -4.99 14.76 -12.46
O3 439 C . 11.82 -1.33 12.00
C25 439 C . 12.91 -1.24 12.52
N2 439 C . 13.51 -2.25 13.19
C8 439 C . 13.03 -3.56 13.30
C7 439 C . 13.89 -4.61 13.00
C9 439 C . 11.72 -3.85 13.70
C10 439 C . 11.30 -5.16 13.80
C11 439 C . 12.18 -6.21 13.50
C6 439 C . 13.47 -5.92 13.10
C5 439 C . 14.23 -7.20 12.82
C4 439 C . 13.12 -8.27 12.65
C3 439 C . 11.97 -7.73 13.52
N1 439 C . 11.83 -8.35 14.86
C2 439 C . 10.52 -7.97 15.41
C1 439 C . 12.86 -7.85 15.80
C14 439 C . 13.82 -0.04 12.51
C13 439 C . 14.79 -0.33 13.68
C12 439 C . 14.80 -1.86 13.77
N3 439 C . 13.08 1.21 12.69
S1 439 C . 12.92 2.34 11.54
O1 439 C . 12.02 3.23 12.17
O2 439 C . 14.20 2.77 11.11
C15 439 C . 12.12 1.59 10.15
C24 439 C . 12.82 1.43 8.98
C23 439 C . 12.18 0.82 7.87
C18 439 C . 10.82 0.41 8.00
C17 439 C . 10.14 0.59 9.22
C16 439 C . 10.79 1.19 10.28
C22 439 C . 12.85 0.63 6.63
C21 439 C . 12.18 0.03 5.59
C20 439 C . 10.86 -0.38 5.74
CL1 439 C . 10.02 -1.13 4.42
C19 439 C . 10.19 -0.20 6.90
CA CA D . -1.85 20.13 4.82
MG MG E . 20.04 -1.13 1.23
#